data_1WWW
#
_entry.id   1WWW
#
_cell.length_a   58.245
_cell.length_b   53.735
_cell.length_c   77.101
_cell.angle_alpha   90.00
_cell.angle_beta   107.34
_cell.angle_gamma   90.00
#
_symmetry.space_group_name_H-M   'P 1 21 1'
#
loop_
_entity.id
_entity.type
_entity.pdbx_description
1 polymer 'PROTEIN (NERVE GROWTH FACTOR)'
2 polymer 'PROTEIN (TRKA RECEPTOR)'
3 water water
#
loop_
_entity_poly.entity_id
_entity_poly.type
_entity_poly.pdbx_seq_one_letter_code
_entity_poly.pdbx_strand_id
1 'polypeptide(L)'
;SSSHPIFHRGEFSVCDSVSVWVGDKTTATDIKGKEVMVLGEVNINNSVFKQYFFETKCRDPNPVDSGCRGIDSKHWNSYC
TTTHTFVKALTMDGKQAAWRFIRIDTACVCVLSRKAVRRA
;
V,W
2 'polypeptide(L)'
;VSFPASVQLHTAVEMHHWCIPFSVDGQPAPSLRWLFNGSVLNETSFIFTEFLEPAANETVRHGCLRLNQPTHVNNGNYTL
LAANPFGQASASIMAAFMDNP
;
X,Y
#
# COMPACT_ATOMS: atom_id res chain seq x y z
N SER A 2 -0.16 26.37 -14.80
CA SER A 2 0.81 26.49 -15.93
C SER A 2 1.06 25.16 -16.62
N SER A 3 1.59 25.23 -17.83
CA SER A 3 1.90 24.07 -18.65
C SER A 3 3.37 23.64 -18.51
N HIS A 4 3.61 22.58 -17.74
CA HIS A 4 4.97 22.08 -17.56
C HIS A 4 5.09 20.68 -18.15
N PRO A 5 6.16 20.43 -18.93
CA PRO A 5 6.41 19.12 -19.56
C PRO A 5 6.12 17.90 -18.70
N ILE A 6 6.30 18.04 -17.40
CA ILE A 6 6.08 16.94 -16.46
C ILE A 6 4.65 16.39 -16.43
N PHE A 7 3.65 17.24 -16.66
CA PHE A 7 2.28 16.76 -16.65
C PHE A 7 2.05 15.78 -17.76
N HIS A 8 2.99 15.72 -18.69
CA HIS A 8 2.87 14.80 -19.77
C HIS A 8 3.91 13.69 -19.71
N ARG A 9 5.13 14.05 -19.33
CA ARG A 9 6.22 13.09 -19.28
C ARG A 9 6.60 12.47 -17.94
N GLY A 10 5.85 12.81 -16.88
CA GLY A 10 6.16 12.28 -15.56
C GLY A 10 5.58 10.90 -15.25
N GLU A 11 5.94 10.38 -14.07
CA GLU A 11 5.41 9.08 -13.66
C GLU A 11 4.21 9.29 -12.77
N PHE A 12 3.08 8.77 -13.26
CA PHE A 12 1.81 8.90 -12.59
C PHE A 12 1.40 7.60 -11.94
N SER A 13 0.34 7.69 -11.13
CA SER A 13 -0.24 6.55 -10.42
C SER A 13 -1.42 6.08 -11.23
N VAL A 14 -1.76 4.79 -11.12
CA VAL A 14 -2.92 4.27 -11.83
C VAL A 14 -4.09 4.64 -10.92
N CYS A 15 -3.81 4.74 -9.62
CA CYS A 15 -4.83 5.09 -8.64
C CYS A 15 -4.31 6.18 -7.72
N ASP A 16 -5.12 7.20 -7.50
CA ASP A 16 -4.75 8.31 -6.62
C ASP A 16 -5.13 8.09 -5.17
N SER A 17 -4.18 8.39 -4.29
CA SER A 17 -4.36 8.21 -2.85
C SER A 17 -4.09 9.50 -2.08
N VAL A 18 -4.17 9.39 -0.76
CA VAL A 18 -3.96 10.53 0.10
C VAL A 18 -3.51 10.02 1.46
N SER A 19 -2.40 10.56 1.95
CA SER A 19 -1.85 10.17 3.25
C SER A 19 -2.18 11.22 4.29
N VAL A 20 -2.55 10.76 5.48
CA VAL A 20 -2.88 11.63 6.60
C VAL A 20 -2.41 10.96 7.87
N TRP A 21 -2.41 11.74 8.95
CA TRP A 21 -1.98 11.27 10.28
C TRP A 21 -3.23 11.12 11.14
N VAL A 22 -3.57 9.90 11.54
CA VAL A 22 -4.75 9.65 12.37
C VAL A 22 -4.44 9.50 13.85
N GLY A 23 -4.91 10.44 14.66
CA GLY A 23 -4.66 10.37 16.09
C GLY A 23 -5.93 10.31 16.93
N ASP A 24 -7.07 10.15 16.28
CA ASP A 24 -8.36 10.08 16.96
C ASP A 24 -9.00 8.71 16.81
N LYS A 25 -8.18 7.72 16.48
CA LYS A 25 -8.63 6.35 16.32
C LYS A 25 -8.99 5.83 17.70
N THR A 26 -10.15 5.18 17.85
CA THR A 26 -10.55 4.63 19.15
C THR A 26 -10.91 3.16 19.03
N THR A 27 -11.22 2.72 17.81
CA THR A 27 -11.54 1.33 17.56
C THR A 27 -10.78 0.93 16.30
N ALA A 28 -10.63 -0.37 16.10
CA ALA A 28 -9.92 -0.91 14.93
C ALA A 28 -10.19 -2.40 15.04
N THR A 29 -9.86 -3.18 14.02
CA THR A 29 -10.06 -4.60 14.13
C THR A 29 -8.68 -5.24 14.27
N ASP A 30 -8.55 -6.22 15.15
CA ASP A 30 -7.25 -6.85 15.35
C ASP A 30 -6.97 -7.89 14.27
N ILE A 31 -5.93 -8.68 14.46
CA ILE A 31 -5.57 -9.66 13.45
C ILE A 31 -6.54 -10.84 13.43
N LYS A 32 -7.30 -10.99 14.51
CA LYS A 32 -8.27 -12.08 14.55
C LYS A 32 -9.57 -11.55 13.99
N GLY A 33 -9.54 -10.34 13.42
CA GLY A 33 -10.73 -9.76 12.84
C GLY A 33 -11.71 -9.29 13.90
N LYS A 34 -11.25 -9.29 15.14
CA LYS A 34 -12.05 -8.86 16.28
C LYS A 34 -11.99 -7.34 16.36
N GLU A 35 -13.10 -6.71 16.78
CA GLU A 35 -13.11 -5.25 16.95
C GLU A 35 -12.47 -4.96 18.29
N VAL A 36 -11.51 -4.05 18.32
CA VAL A 36 -10.83 -3.74 19.56
C VAL A 36 -10.73 -2.25 19.82
N MET A 37 -10.52 -1.89 21.09
CA MET A 37 -10.40 -0.49 21.48
C MET A 37 -8.94 -0.05 21.50
N VAL A 38 -8.68 1.11 20.90
CA VAL A 38 -7.34 1.70 20.78
C VAL A 38 -7.10 2.78 21.82
N LEU A 39 -6.06 2.64 22.64
CA LEU A 39 -5.75 3.64 23.67
C LEU A 39 -5.31 4.93 23.02
N GLY A 40 -5.78 6.05 23.54
CA GLY A 40 -5.41 7.32 22.97
C GLY A 40 -3.96 7.62 23.27
N GLU A 41 -3.44 7.00 24.32
CA GLU A 41 -2.07 7.23 24.70
C GLU A 41 -1.38 5.96 25.14
N VAL A 42 -0.07 6.05 25.26
CA VAL A 42 0.78 4.94 25.69
C VAL A 42 1.95 5.61 26.40
N ASN A 43 2.73 4.88 27.18
CA ASN A 43 3.85 5.52 27.85
C ASN A 43 5.00 4.56 28.10
N ILE A 44 6.19 4.97 27.63
CA ILE A 44 7.39 4.18 27.77
C ILE A 44 8.22 4.58 28.98
N ASN A 45 8.24 3.69 29.96
CA ASN A 45 8.96 3.89 31.22
C ASN A 45 9.23 5.37 31.49
N ASN A 46 8.23 6.20 31.21
CA ASN A 46 8.36 7.64 31.36
C ASN A 46 7.05 8.37 31.08
N SER A 47 7.15 9.41 30.24
CA SER A 47 6.00 10.22 29.86
C SER A 47 5.18 9.50 28.78
N VAL A 48 4.06 10.12 28.39
CA VAL A 48 3.17 9.53 27.40
C VAL A 48 3.27 10.05 25.95
N PHE A 49 3.17 9.12 25.01
CA PHE A 49 3.20 9.40 23.60
C PHE A 49 1.77 9.24 23.13
N LYS A 50 1.13 10.31 22.66
CA LYS A 50 -0.24 10.17 22.16
C LYS A 50 -0.16 9.30 20.90
N GLN A 51 -0.95 8.24 20.85
CA GLN A 51 -0.94 7.29 19.75
C GLN A 51 -1.43 7.84 18.40
N TYR A 52 -0.53 7.91 17.43
CA TYR A 52 -0.85 8.42 16.09
C TYR A 52 -0.58 7.35 15.04
N PHE A 53 -1.33 7.38 13.94
CA PHE A 53 -1.16 6.40 12.88
C PHE A 53 -1.03 7.01 11.48
N PHE A 54 -0.10 6.47 10.69
CA PHE A 54 0.07 6.96 9.33
C PHE A 54 -0.83 6.19 8.40
N GLU A 55 -1.81 6.88 7.83
CA GLU A 55 -2.73 6.20 6.93
C GLU A 55 -2.81 6.75 5.51
N THR A 56 -2.96 5.84 4.55
CA THR A 56 -3.10 6.19 3.14
C THR A 56 -4.30 5.42 2.61
N LYS A 57 -5.26 6.15 2.02
CA LYS A 57 -6.45 5.53 1.46
C LYS A 57 -6.67 6.09 0.07
N CYS A 58 -7.69 5.59 -0.62
CA CYS A 58 -7.95 6.10 -1.94
C CYS A 58 -8.49 7.53 -1.87
N ARG A 59 -7.92 8.37 -2.72
CA ARG A 59 -8.30 9.77 -2.83
C ARG A 59 -9.57 9.76 -3.65
N ASP A 60 -10.59 10.47 -3.17
CA ASP A 60 -11.87 10.55 -3.85
C ASP A 60 -11.83 10.11 -5.32
N GLY A 67 -12.74 3.75 -13.70
CA GLY A 67 -11.70 2.73 -13.43
C GLY A 67 -10.35 3.35 -13.10
N CYS A 68 -9.29 2.58 -13.30
CA CYS A 68 -7.95 3.07 -13.02
C CYS A 68 -7.34 3.74 -14.23
N ARG A 69 -6.29 4.51 -14.00
CA ARG A 69 -5.59 5.20 -15.07
C ARG A 69 -4.73 4.22 -15.90
N GLY A 70 -4.71 4.44 -17.20
CA GLY A 70 -3.92 3.60 -18.11
C GLY A 70 -4.32 2.16 -18.31
N ILE A 71 -5.57 1.81 -18.01
CA ILE A 71 -6.05 0.44 -18.18
C ILE A 71 -6.57 0.19 -19.59
N ASP A 72 -6.25 -0.99 -20.14
CA ASP A 72 -6.74 -1.36 -21.45
C ASP A 72 -8.21 -1.77 -21.28
N SER A 73 -9.10 -0.78 -21.40
CA SER A 73 -10.53 -0.96 -21.23
C SER A 73 -11.21 -1.91 -22.21
N LYS A 74 -10.46 -2.46 -23.15
CA LYS A 74 -11.06 -3.35 -24.13
C LYS A 74 -11.18 -4.78 -23.60
N HIS A 75 -10.29 -5.12 -22.67
CA HIS A 75 -10.29 -6.46 -22.11
C HIS A 75 -10.50 -6.48 -20.62
N TRP A 76 -10.40 -5.31 -19.99
CA TRP A 76 -10.52 -5.24 -18.55
C TRP A 76 -11.39 -4.19 -17.93
N ASN A 77 -12.07 -4.60 -16.88
CA ASN A 77 -12.88 -3.69 -16.10
C ASN A 77 -11.89 -3.36 -15.02
N SER A 78 -12.14 -2.29 -14.26
CA SER A 78 -11.21 -1.98 -13.20
C SER A 78 -11.75 -0.98 -12.21
N TYR A 79 -11.14 -0.96 -11.04
CA TYR A 79 -11.51 -0.02 -10.00
C TYR A 79 -10.37 0.16 -8.99
N CYS A 80 -10.38 1.29 -8.31
CA CYS A 80 -9.35 1.57 -7.34
C CYS A 80 -9.96 1.22 -6.00
N THR A 81 -9.14 0.74 -5.10
CA THR A 81 -9.64 0.36 -3.79
C THR A 81 -8.53 0.45 -2.74
N THR A 82 -8.93 0.71 -1.50
CA THR A 82 -7.99 0.83 -0.39
C THR A 82 -7.61 -0.50 0.20
N THR A 83 -6.31 -0.75 0.28
CA THR A 83 -5.84 -1.99 0.88
C THR A 83 -5.28 -1.61 2.26
N HIS A 84 -5.02 -2.61 3.10
CA HIS A 84 -4.53 -2.32 4.43
C HIS A 84 -3.17 -2.90 4.80
N THR A 85 -2.80 -2.70 6.05
CA THR A 85 -1.56 -3.24 6.59
C THR A 85 -1.78 -3.49 8.06
N PHE A 86 -0.94 -4.31 8.67
CA PHE A 86 -1.09 -4.58 10.10
C PHE A 86 0.01 -3.89 10.86
N VAL A 87 -0.40 -3.08 11.83
CA VAL A 87 0.52 -2.31 12.65
C VAL A 87 0.26 -2.52 14.15
N LYS A 88 1.33 -2.58 14.92
CA LYS A 88 1.19 -2.79 16.35
C LYS A 88 0.55 -1.56 16.99
N ALA A 89 -0.16 -1.75 18.10
CA ALA A 89 -0.83 -0.65 18.80
C ALA A 89 -1.29 -1.04 20.21
N LEU A 90 -1.35 -0.08 21.12
CA LEU A 90 -1.82 -0.37 22.48
C LEU A 90 -3.37 -0.41 22.43
N THR A 91 -3.91 -1.60 22.66
CA THR A 91 -5.35 -1.85 22.56
C THR A 91 -5.97 -2.48 23.80
N MET A 92 -7.30 -2.47 23.86
CA MET A 92 -8.03 -3.09 24.97
C MET A 92 -8.79 -4.26 24.36
N ASP A 93 -8.18 -5.43 24.47
CA ASP A 93 -8.69 -6.69 23.91
C ASP A 93 -10.12 -7.11 24.27
N GLY A 94 -10.84 -6.27 25.01
CA GLY A 94 -12.18 -6.63 25.41
C GLY A 94 -12.08 -7.28 26.78
N LYS A 95 -10.91 -7.10 27.40
CA LYS A 95 -10.62 -7.66 28.71
C LYS A 95 -9.44 -6.95 29.39
N GLN A 96 -8.27 -6.91 28.73
CA GLN A 96 -7.08 -6.24 29.28
C GLN A 96 -6.24 -5.49 28.25
N ALA A 97 -5.38 -4.57 28.72
CA ALA A 97 -4.52 -3.76 27.86
C ALA A 97 -3.39 -4.55 27.25
N ALA A 98 -3.28 -4.48 25.91
CA ALA A 98 -2.26 -5.24 25.21
C ALA A 98 -1.77 -4.65 23.89
N TRP A 99 -0.52 -4.97 23.61
CA TRP A 99 0.17 -4.56 22.41
C TRP A 99 -0.31 -5.55 21.35
N ARG A 100 -1.13 -5.07 20.43
CA ARG A 100 -1.69 -5.93 19.38
C ARG A 100 -1.65 -5.28 18.00
N PHE A 101 -1.59 -6.12 16.97
CA PHE A 101 -1.56 -5.68 15.58
C PHE A 101 -2.95 -5.30 15.08
N ILE A 102 -3.17 -4.06 14.70
CA ILE A 102 -4.47 -3.63 14.18
C ILE A 102 -4.44 -3.30 12.68
N ARG A 103 -5.59 -3.40 12.04
CA ARG A 103 -5.69 -3.11 10.61
C ARG A 103 -5.96 -1.61 10.30
N ILE A 104 -5.08 -1.00 9.51
CA ILE A 104 -5.22 0.42 9.12
C ILE A 104 -5.02 0.61 7.61
N ASP A 105 -5.62 1.66 7.05
CA ASP A 105 -5.47 1.91 5.62
C ASP A 105 -4.01 2.16 5.35
N THR A 106 -3.50 1.67 4.22
CA THR A 106 -2.09 1.86 3.94
C THR A 106 -1.71 2.16 2.49
N ALA A 107 -2.65 2.01 1.57
CA ALA A 107 -2.39 2.27 0.16
C ALA A 107 -3.68 2.25 -0.64
N CYS A 108 -3.57 2.57 -1.92
CA CYS A 108 -4.72 2.56 -2.81
C CYS A 108 -4.27 1.86 -4.09
N VAL A 109 -4.86 0.69 -4.38
CA VAL A 109 -4.50 -0.08 -5.57
C VAL A 109 -5.62 -0.29 -6.58
N CYS A 110 -5.21 -0.75 -7.76
CA CYS A 110 -6.12 -1.01 -8.87
C CYS A 110 -6.49 -2.48 -8.92
N VAL A 111 -7.79 -2.75 -9.09
CA VAL A 111 -8.35 -4.13 -9.19
C VAL A 111 -8.87 -4.44 -10.61
N LEU A 112 -8.34 -5.51 -11.19
CA LEU A 112 -8.70 -5.95 -12.54
C LEU A 112 -9.79 -7.04 -12.55
N SER A 113 -10.63 -7.02 -13.58
CA SER A 113 -11.67 -8.03 -13.74
C SER A 113 -11.94 -8.11 -15.24
N ARG A 114 -11.85 -9.31 -15.81
CA ARG A 114 -12.05 -9.48 -17.24
C ARG A 114 -13.41 -9.09 -17.78
N LYS A 115 -13.40 -8.76 -19.07
CA LYS A 115 -14.59 -8.38 -19.82
C LYS A 115 -14.87 -9.53 -20.78
N SER B 2 -7.11 -26.09 -12.00
CA SER B 2 -7.04 -24.69 -12.50
C SER B 2 -8.14 -24.43 -13.52
N SER B 3 -9.15 -25.29 -13.50
CA SER B 3 -10.27 -25.15 -14.43
C SER B 3 -11.42 -24.40 -13.75
N HIS B 4 -11.21 -23.94 -12.52
CA HIS B 4 -12.25 -23.23 -11.80
C HIS B 4 -12.53 -21.90 -12.46
N PRO B 5 -13.81 -21.57 -12.61
CA PRO B 5 -14.25 -20.31 -13.23
C PRO B 5 -13.52 -19.09 -12.69
N ILE B 6 -13.29 -19.08 -11.39
CA ILE B 6 -12.62 -17.96 -10.73
C ILE B 6 -11.25 -17.63 -11.34
N PHE B 7 -10.56 -18.63 -11.86
CA PHE B 7 -9.27 -18.38 -12.47
C PHE B 7 -9.46 -17.52 -13.69
N HIS B 8 -10.72 -17.30 -14.06
CA HIS B 8 -11.03 -16.49 -15.22
C HIS B 8 -11.89 -15.25 -14.85
N ARG B 9 -12.91 -15.45 -14.04
CA ARG B 9 -13.80 -14.37 -13.67
C ARG B 9 -13.51 -13.69 -12.34
N GLY B 10 -12.35 -13.99 -11.75
CA GLY B 10 -11.97 -13.44 -10.47
C GLY B 10 -11.42 -12.02 -10.53
N GLU B 11 -11.26 -11.41 -9.36
CA GLU B 11 -10.73 -10.07 -9.28
C GLU B 11 -9.23 -10.22 -9.09
N PHE B 12 -8.47 -9.64 -10.02
CA PHE B 12 -7.02 -9.74 -10.01
C PHE B 12 -6.33 -8.45 -9.61
N SER B 13 -5.07 -8.60 -9.20
CA SER B 13 -4.24 -7.48 -8.80
C SER B 13 -3.60 -6.96 -10.07
N VAL B 14 -3.29 -5.67 -10.08
CA VAL B 14 -2.64 -5.05 -11.22
C VAL B 14 -1.17 -5.38 -11.00
N CYS B 15 -0.78 -5.41 -9.74
CA CYS B 15 0.58 -5.71 -9.34
C CYS B 15 0.51 -6.74 -8.22
N ASP B 16 1.34 -7.77 -8.34
CA ASP B 16 1.36 -8.83 -7.34
C ASP B 16 2.35 -8.57 -6.20
N SER B 17 1.86 -8.82 -4.98
CA SER B 17 2.64 -8.61 -3.77
C SER B 17 2.75 -9.87 -2.94
N VAL B 18 3.55 -9.76 -1.89
CA VAL B 18 3.75 -10.85 -0.97
C VAL B 18 3.84 -10.15 0.38
N SER B 19 3.28 -10.79 1.42
CA SER B 19 3.28 -10.24 2.79
C SER B 19 4.02 -11.16 3.77
N VAL B 20 4.89 -10.56 4.58
CA VAL B 20 5.64 -11.35 5.54
C VAL B 20 5.84 -10.57 6.81
N TRP B 21 6.20 -11.30 7.86
CA TRP B 21 6.48 -10.70 9.16
C TRP B 21 7.98 -10.50 9.13
N VAL B 22 8.44 -9.28 9.33
CA VAL B 22 9.87 -9.03 9.32
C VAL B 22 10.30 -8.84 10.76
N GLY B 23 11.23 -9.67 11.21
CA GLY B 23 11.68 -9.59 12.58
C GLY B 23 13.18 -9.49 12.74
N ASP B 24 13.89 -9.44 11.62
CA ASP B 24 15.35 -9.35 11.70
C ASP B 24 15.81 -7.97 11.27
N LYS B 25 14.89 -7.02 11.19
CA LYS B 25 15.22 -5.66 10.78
C LYS B 25 16.15 -4.97 11.80
N THR B 26 17.30 -4.49 11.31
CA THR B 26 18.30 -3.84 12.15
C THR B 26 18.47 -2.35 11.87
N THR B 27 18.33 -1.97 10.61
CA THR B 27 18.46 -0.57 10.25
C THR B 27 17.20 -0.15 9.49
N ALA B 28 16.98 1.15 9.40
CA ALA B 28 15.83 1.70 8.71
C ALA B 28 16.09 3.18 8.57
N THR B 29 15.21 3.89 7.87
CA THR B 29 15.39 5.33 7.74
C THR B 29 14.17 5.96 8.38
N ASP B 30 14.39 7.00 9.17
CA ASP B 30 13.30 7.66 9.86
C ASP B 30 12.53 8.66 9.01
N ILE B 31 11.61 9.36 9.66
CA ILE B 31 10.77 10.36 9.02
C ILE B 31 11.58 11.50 8.45
N LYS B 32 12.81 11.65 8.92
CA LYS B 32 13.66 12.71 8.43
C LYS B 32 14.58 12.20 7.33
N GLY B 33 14.49 10.91 7.02
CA GLY B 33 15.33 10.37 5.97
C GLY B 33 16.69 9.90 6.46
N LYS B 34 16.90 9.92 7.77
CA LYS B 34 18.16 9.50 8.37
C LYS B 34 18.23 8.03 8.71
N GLU B 35 19.34 7.42 8.36
CA GLU B 35 19.54 6.00 8.64
C GLU B 35 19.68 5.79 10.13
N VAL B 36 18.71 5.09 10.72
CA VAL B 36 18.76 4.82 12.15
C VAL B 36 18.75 3.32 12.48
N MET B 37 19.13 3.00 13.72
CA MET B 37 19.19 1.62 14.17
C MET B 37 17.87 1.16 14.78
N VAL B 38 17.47 -0.04 14.41
CA VAL B 38 16.23 -0.62 14.89
C VAL B 38 16.55 -1.70 15.90
N LEU B 39 16.06 -1.56 17.13
CA LEU B 39 16.29 -2.57 18.16
C LEU B 39 15.46 -3.84 17.88
N GLY B 40 15.79 -4.94 18.55
CA GLY B 40 15.05 -6.17 18.34
C GLY B 40 13.98 -6.47 19.36
N GLU B 41 13.94 -5.69 20.44
CA GLU B 41 12.94 -5.87 21.49
C GLU B 41 12.56 -4.50 21.98
N VAL B 42 11.45 -4.40 22.70
CA VAL B 42 10.99 -3.12 23.22
C VAL B 42 10.22 -3.37 24.50
N ASN B 43 10.26 -2.42 25.42
CA ASN B 43 9.55 -2.58 26.69
C ASN B 43 8.27 -1.75 26.78
N ILE B 44 7.15 -2.38 26.44
CA ILE B 44 5.84 -1.72 26.48
C ILE B 44 5.20 -2.10 27.81
N ASN B 45 5.25 -1.18 28.77
CA ASN B 45 4.66 -1.39 30.08
C ASN B 45 5.12 -2.66 30.81
N ASN B 46 6.42 -2.78 31.05
CA ASN B 46 6.96 -3.94 31.76
C ASN B 46 6.92 -5.23 30.95
N SER B 47 6.39 -5.16 29.73
CA SER B 47 6.31 -6.34 28.90
C SER B 47 7.28 -6.26 27.73
N VAL B 48 8.31 -7.09 27.81
CA VAL B 48 9.33 -7.16 26.80
C VAL B 48 8.75 -7.69 25.50
N PHE B 49 8.91 -6.95 24.41
CA PHE B 49 8.39 -7.34 23.10
C PHE B 49 9.50 -7.48 22.04
N LYS B 50 9.37 -8.48 21.17
CA LYS B 50 10.33 -8.67 20.11
C LYS B 50 9.79 -7.80 18.97
N GLN B 51 10.60 -6.89 18.44
CA GLN B 51 10.11 -6.01 17.39
C GLN B 51 9.88 -6.72 16.05
N TYR B 52 8.62 -6.74 15.62
CA TYR B 52 8.19 -7.40 14.37
C TYR B 52 7.44 -6.40 13.50
N PHE B 53 7.49 -6.58 12.18
CA PHE B 53 6.79 -5.67 11.28
C PHE B 53 6.02 -6.41 10.18
N PHE B 54 4.84 -5.91 9.86
CA PHE B 54 4.07 -6.49 8.78
C PHE B 54 4.49 -5.73 7.53
N GLU B 55 5.14 -6.42 6.60
CA GLU B 55 5.59 -5.78 5.39
C GLU B 55 5.10 -6.45 4.12
N THR B 56 4.72 -5.62 3.15
CA THR B 56 4.22 -6.06 1.85
C THR B 56 5.10 -5.42 0.78
N LYS B 57 5.57 -6.25 -0.15
CA LYS B 57 6.41 -5.75 -1.21
C LYS B 57 6.07 -6.44 -2.52
N CYS B 58 6.51 -5.87 -3.63
CA CYS B 58 6.25 -6.46 -4.95
C CYS B 58 6.83 -7.86 -5.00
N ARG B 59 6.08 -8.77 -5.60
CA ARG B 59 6.49 -10.15 -5.73
C ARG B 59 7.67 -10.37 -6.67
N ASP B 60 8.27 -9.30 -7.15
CA ASP B 60 9.41 -9.40 -8.05
C ASP B 60 9.27 -10.61 -8.99
N GLY B 67 6.25 -4.45 -16.75
CA GLY B 67 4.92 -3.77 -16.83
C GLY B 67 3.82 -4.40 -15.98
N CYS B 68 2.85 -3.60 -15.58
CA CYS B 68 1.74 -4.09 -14.76
C CYS B 68 0.62 -4.72 -15.59
N ARG B 69 -0.17 -5.57 -14.92
CA ARG B 69 -1.29 -6.29 -15.53
C ARG B 69 -2.47 -5.42 -15.91
N GLY B 70 -3.05 -5.70 -17.08
CA GLY B 70 -4.20 -4.95 -17.53
C GLY B 70 -3.96 -3.57 -18.12
N ILE B 71 -2.70 -3.12 -18.15
CA ILE B 71 -2.36 -1.80 -18.68
C ILE B 71 -2.49 -1.74 -20.20
N ASP B 72 -2.83 -0.56 -20.72
CA ASP B 72 -2.93 -0.39 -22.17
C ASP B 72 -1.49 -0.18 -22.62
N SER B 73 -0.81 -1.26 -23.00
CA SER B 73 0.58 -1.15 -23.39
C SER B 73 0.80 -0.48 -24.74
N LYS B 74 -0.28 -0.23 -25.46
CA LYS B 74 -0.13 0.46 -26.73
C LYS B 74 0.33 1.88 -26.35
N HIS B 75 -0.38 2.51 -25.41
CA HIS B 75 -0.09 3.88 -24.96
C HIS B 75 0.74 4.08 -23.68
N TRP B 76 1.04 3.03 -22.92
CA TRP B 76 1.77 3.25 -21.67
C TRP B 76 2.88 2.30 -21.26
N ASN B 77 3.98 2.87 -20.80
CA ASN B 77 5.08 2.09 -20.28
C ASN B 77 4.56 1.97 -18.85
N SER B 78 5.00 0.94 -18.14
CA SER B 78 4.57 0.80 -16.76
C SER B 78 5.37 -0.28 -16.07
N TYR B 79 5.35 -0.25 -14.74
CA TYR B 79 6.05 -1.24 -13.95
C TYR B 79 5.48 -1.22 -12.54
N CYS B 80 5.75 -2.28 -11.79
CA CYS B 80 5.24 -2.37 -10.44
C CYS B 80 6.31 -1.98 -9.46
N THR B 81 5.92 -1.31 -8.39
CA THR B 81 6.91 -0.92 -7.43
C THR B 81 6.40 -0.91 -6.01
N THR B 82 7.31 -1.17 -5.08
CA THR B 82 7.00 -1.21 -3.65
C THR B 82 6.89 0.17 -3.00
N THR B 83 5.73 0.45 -2.40
CA THR B 83 5.54 1.72 -1.70
C THR B 83 5.57 1.47 -0.19
N HIS B 84 5.80 2.54 0.58
CA HIS B 84 5.91 2.41 2.03
C HIS B 84 4.88 3.07 2.91
N THR B 85 5.06 2.83 4.20
CA THR B 85 4.20 3.41 5.23
C THR B 85 5.19 3.76 6.32
N PHE B 86 4.78 4.61 7.26
CA PHE B 86 5.64 4.99 8.37
C PHE B 86 5.06 4.39 9.61
N VAL B 87 5.90 3.68 10.36
CA VAL B 87 5.42 3.05 11.59
C VAL B 87 6.38 3.30 12.76
N LYS B 88 5.81 3.53 13.94
CA LYS B 88 6.61 3.79 15.14
C LYS B 88 7.46 2.58 15.50
N ALA B 89 8.70 2.82 15.90
CA ALA B 89 9.61 1.74 16.28
C ALA B 89 10.70 2.24 17.23
N LEU B 90 11.14 1.34 18.10
CA LEU B 90 12.20 1.65 19.02
C LEU B 90 13.48 1.54 18.23
N THR B 91 14.13 2.68 18.10
CA THR B 91 15.34 2.81 17.33
C THR B 91 16.53 3.37 18.12
N MET B 92 17.64 3.59 17.42
CA MET B 92 18.83 4.11 18.07
C MET B 92 19.60 5.14 17.25
N ASP B 93 19.85 6.27 17.88
CA ASP B 93 20.61 7.37 17.32
C ASP B 93 21.53 7.77 18.47
N GLY B 94 22.72 7.17 18.49
CA GLY B 94 23.66 7.43 19.56
C GLY B 94 23.22 6.65 20.80
N LYS B 95 23.37 7.24 21.97
CA LYS B 95 22.97 6.58 23.20
C LYS B 95 21.51 6.94 23.40
N GLN B 96 20.85 7.22 22.29
CA GLN B 96 19.46 7.61 22.33
C GLN B 96 18.53 6.58 21.75
N ALA B 97 18.00 5.73 22.62
CA ALA B 97 17.03 4.75 22.20
C ALA B 97 15.76 5.62 22.16
N ALA B 98 15.06 5.63 21.02
CA ALA B 98 13.87 6.45 20.92
C ALA B 98 12.73 5.77 20.20
N TRP B 99 11.54 6.33 20.40
CA TRP B 99 10.29 5.84 19.80
C TRP B 99 10.07 6.68 18.53
N ARG B 100 10.70 6.30 17.42
CA ARG B 100 10.59 7.04 16.16
C ARG B 100 9.90 6.31 15.00
N PHE B 101 9.33 7.08 14.08
CA PHE B 101 8.66 6.52 12.90
C PHE B 101 9.66 6.13 11.85
N ILE B 102 9.56 4.91 11.34
CA ILE B 102 10.49 4.49 10.31
C ILE B 102 9.71 4.13 9.05
N ARG B 103 10.47 4.03 7.97
CA ARG B 103 9.92 3.70 6.66
C ARG B 103 9.93 2.18 6.44
N ILE B 104 8.79 1.58 6.12
CA ILE B 104 8.72 0.12 5.86
C ILE B 104 7.80 -0.19 4.70
N ASP B 105 8.10 -1.27 4.00
CA ASP B 105 7.29 -1.70 2.85
C ASP B 105 5.84 -1.96 3.26
N THR B 106 4.89 -1.43 2.48
CA THR B 106 3.48 -1.60 2.80
C THR B 106 2.53 -1.98 1.62
N ALA B 107 3.01 -1.81 0.38
CA ALA B 107 2.23 -2.16 -0.80
C ALA B 107 3.09 -2.19 -2.05
N CYS B 108 2.49 -2.61 -3.15
CA CYS B 108 3.15 -2.67 -4.44
C CYS B 108 2.16 -2.01 -5.39
N VAL B 109 2.53 -0.88 -5.99
CA VAL B 109 1.63 -0.18 -6.90
C VAL B 109 2.22 -0.09 -8.31
N CYS B 110 1.33 0.20 -9.25
CA CYS B 110 1.65 0.34 -10.66
C CYS B 110 1.98 1.79 -10.97
N VAL B 111 3.15 1.99 -11.58
CA VAL B 111 3.61 3.32 -11.96
C VAL B 111 3.36 3.49 -13.47
N LEU B 112 2.56 4.49 -13.80
CA LEU B 112 2.19 4.80 -15.17
C LEU B 112 3.16 5.79 -15.83
N SER B 113 3.39 5.60 -17.12
CA SER B 113 4.30 6.46 -17.87
C SER B 113 3.96 6.48 -19.38
N ARG B 114 3.62 7.66 -19.90
CA ARG B 114 3.33 7.82 -21.32
C ARG B 114 4.56 7.55 -22.16
N LYS B 115 4.37 7.03 -23.36
CA LYS B 115 5.50 6.74 -24.24
C LYS B 115 5.51 7.68 -25.46
N ALA B 116 6.46 7.47 -26.38
CA ALA B 116 6.56 8.28 -27.59
C ALA B 116 7.15 9.65 -27.33
N VAL C 1 -36.00 -32.57 -11.58
CA VAL C 1 -35.31 -33.70 -10.89
C VAL C 1 -34.62 -33.19 -9.64
N SER C 2 -34.87 -33.84 -8.50
CA SER C 2 -34.28 -33.49 -7.20
C SER C 2 -33.09 -34.42 -7.02
N PHE C 3 -32.01 -33.96 -6.38
CA PHE C 3 -30.85 -34.82 -6.10
C PHE C 3 -29.95 -34.31 -4.97
N PRO C 4 -29.31 -35.25 -4.20
CA PRO C 4 -28.43 -34.92 -3.08
C PRO C 4 -27.28 -33.98 -3.40
N ALA C 5 -26.84 -33.22 -2.40
CA ALA C 5 -25.76 -32.28 -2.58
C ALA C 5 -24.36 -32.93 -2.82
N SER C 6 -23.56 -32.24 -3.63
CA SER C 6 -22.20 -32.68 -3.95
C SER C 6 -21.35 -31.43 -3.75
N VAL C 7 -20.10 -31.59 -3.32
CA VAL C 7 -19.26 -30.42 -3.05
C VAL C 7 -17.75 -30.64 -3.11
N GLN C 8 -17.04 -29.65 -3.63
CA GLN C 8 -15.58 -29.76 -3.69
C GLN C 8 -14.90 -28.41 -3.51
N LEU C 9 -13.69 -28.46 -2.96
CA LEU C 9 -12.89 -27.27 -2.71
C LEU C 9 -11.58 -27.40 -3.47
N HIS C 10 -11.01 -26.27 -3.88
CA HIS C 10 -9.76 -26.26 -4.62
C HIS C 10 -8.66 -25.55 -3.81
N THR C 11 -7.41 -25.83 -4.16
CA THR C 11 -6.25 -25.22 -3.51
C THR C 11 -6.48 -23.71 -3.40
N ALA C 12 -6.20 -23.14 -2.24
CA ALA C 12 -6.38 -21.70 -2.03
C ALA C 12 -5.50 -20.93 -3.01
N VAL C 13 -5.99 -19.83 -3.54
CA VAL C 13 -5.21 -19.06 -4.48
C VAL C 13 -5.22 -17.57 -4.15
N GLU C 14 -4.06 -16.93 -4.19
CA GLU C 14 -3.97 -15.50 -3.91
C GLU C 14 -4.09 -14.69 -5.20
N MET C 15 -5.13 -13.88 -5.29
CA MET C 15 -5.36 -13.00 -6.44
C MET C 15 -5.37 -11.59 -5.81
N HIS C 16 -6.39 -10.79 -6.08
CA HIS C 16 -6.45 -9.46 -5.44
C HIS C 16 -6.64 -9.80 -3.96
N HIS C 17 -7.58 -10.71 -3.74
CA HIS C 17 -7.92 -11.22 -2.44
C HIS C 17 -7.54 -12.66 -2.52
N TRP C 18 -7.43 -13.32 -1.38
CA TRP C 18 -7.16 -14.75 -1.35
C TRP C 18 -8.50 -15.41 -1.60
N CYS C 19 -8.48 -16.61 -2.14
CA CYS C 19 -9.73 -17.28 -2.41
C CYS C 19 -9.58 -18.78 -2.32
N ILE C 20 -10.57 -19.39 -1.69
CA ILE C 20 -10.61 -20.84 -1.58
C ILE C 20 -11.76 -21.15 -2.52
N PRO C 21 -11.45 -21.56 -3.74
CA PRO C 21 -12.51 -21.86 -4.72
C PRO C 21 -13.37 -23.08 -4.34
N PHE C 22 -14.66 -23.02 -4.65
CA PHE C 22 -15.54 -24.12 -4.36
C PHE C 22 -16.58 -24.30 -5.46
N SER C 23 -17.03 -25.54 -5.63
CA SER C 23 -18.05 -25.85 -6.61
C SER C 23 -19.04 -26.72 -5.85
N VAL C 24 -20.32 -26.35 -5.94
CA VAL C 24 -21.37 -27.07 -5.23
C VAL C 24 -22.63 -27.29 -6.08
N ASP C 25 -23.19 -28.49 -6.05
CA ASP C 25 -24.41 -28.82 -6.81
C ASP C 25 -25.43 -29.45 -5.87
N GLY C 26 -26.64 -29.69 -6.38
CA GLY C 26 -27.68 -30.29 -5.57
C GLY C 26 -29.02 -29.64 -5.86
N GLN C 27 -30.08 -30.44 -5.79
CA GLN C 27 -31.42 -29.91 -6.04
C GLN C 27 -32.37 -30.59 -5.09
N PRO C 28 -33.02 -29.82 -4.18
CA PRO C 28 -32.86 -28.36 -4.03
C PRO C 28 -31.42 -27.87 -3.85
N ALA C 29 -31.17 -26.61 -4.20
CA ALA C 29 -29.85 -26.04 -4.03
C ALA C 29 -29.54 -26.08 -2.54
N PRO C 30 -28.31 -26.45 -2.18
CA PRO C 30 -27.98 -26.51 -0.75
C PRO C 30 -27.63 -25.17 -0.05
N SER C 31 -27.81 -25.15 1.27
CA SER C 31 -27.47 -23.97 2.04
C SER C 31 -26.01 -24.26 2.39
N LEU C 32 -25.19 -23.21 2.47
CA LEU C 32 -23.78 -23.37 2.73
C LEU C 32 -23.38 -22.88 4.09
N ARG C 33 -22.35 -23.53 4.65
CA ARG C 33 -21.79 -23.15 5.95
C ARG C 33 -20.32 -23.57 5.93
N TRP C 34 -19.47 -22.76 6.55
CA TRP C 34 -18.02 -23.02 6.61
C TRP C 34 -17.53 -23.34 8.00
N LEU C 35 -16.44 -24.08 8.08
CA LEU C 35 -15.83 -24.38 9.36
C LEU C 35 -14.37 -24.03 9.24
N PHE C 36 -13.78 -23.58 10.34
CA PHE C 36 -12.36 -23.32 10.36
C PHE C 36 -11.83 -24.12 11.53
N ASN C 37 -11.06 -25.17 11.20
CA ASN C 37 -10.48 -26.07 12.18
C ASN C 37 -11.56 -26.80 12.95
N GLY C 38 -12.63 -27.19 12.24
CA GLY C 38 -13.73 -27.93 12.86
C GLY C 38 -14.82 -27.15 13.57
N SER C 39 -14.63 -25.86 13.74
CA SER C 39 -15.63 -25.05 14.42
C SER C 39 -16.26 -24.03 13.48
N VAL C 40 -17.47 -23.57 13.81
CA VAL C 40 -18.16 -22.61 12.98
C VAL C 40 -17.32 -21.37 12.69
N LEU C 41 -17.31 -20.99 11.41
CA LEU C 41 -16.58 -19.83 10.95
C LEU C 41 -17.65 -18.79 10.60
N ASN C 42 -17.68 -17.68 11.33
CA ASN C 42 -18.68 -16.65 11.04
C ASN C 42 -18.10 -15.66 10.04
N GLU C 43 -18.80 -15.48 8.94
CA GLU C 43 -18.31 -14.58 7.92
C GLU C 43 -18.34 -13.13 8.38
N THR C 44 -17.39 -12.34 7.89
CA THR C 44 -17.23 -10.93 8.25
C THR C 44 -17.10 -10.12 6.96
N SER C 45 -16.65 -8.88 7.08
CA SER C 45 -16.46 -8.04 5.90
C SER C 45 -15.12 -8.45 5.24
N PHE C 46 -14.27 -9.15 6.01
CA PHE C 46 -12.97 -9.58 5.50
C PHE C 46 -12.86 -11.06 5.15
N ILE C 47 -13.80 -11.88 5.64
CA ILE C 47 -13.80 -13.29 5.30
C ILE C 47 -15.24 -13.70 5.06
N PHE C 48 -15.58 -13.88 3.79
CA PHE C 48 -16.95 -14.20 3.43
C PHE C 48 -16.99 -14.99 2.13
N THR C 49 -18.15 -15.60 1.92
CA THR C 49 -18.45 -16.41 0.76
C THR C 49 -18.95 -15.55 -0.38
N GLU C 50 -18.45 -15.80 -1.58
CA GLU C 50 -18.90 -15.05 -2.70
C GLU C 50 -19.16 -15.99 -3.86
N PHE C 51 -20.34 -15.85 -4.44
CA PHE C 51 -20.77 -16.68 -5.56
C PHE C 51 -20.46 -16.01 -6.88
N LEU C 52 -20.05 -16.80 -7.86
CA LEU C 52 -19.78 -16.26 -9.18
C LEU C 52 -21.18 -16.30 -9.79
N GLU C 53 -21.38 -15.65 -10.94
CA GLU C 53 -22.69 -15.65 -11.60
C GLU C 53 -22.99 -17.06 -12.14
N PRO C 54 -24.20 -17.56 -11.88
CA PRO C 54 -24.59 -18.90 -12.35
C PRO C 54 -24.57 -18.99 -13.87
N ALA C 55 -23.97 -20.05 -14.39
CA ALA C 55 -23.89 -20.24 -15.83
C ALA C 55 -25.20 -20.78 -16.41
N ALA C 56 -25.30 -20.71 -17.73
CA ALA C 56 -26.48 -21.17 -18.44
C ALA C 56 -26.85 -22.63 -18.22
N ASN C 57 -28.10 -22.85 -17.84
CA ASN C 57 -28.66 -24.19 -17.61
C ASN C 57 -27.74 -25.27 -17.07
N GLU C 58 -27.49 -25.15 -15.77
CA GLU C 58 -26.66 -26.05 -15.01
C GLU C 58 -26.87 -25.55 -13.58
N THR C 59 -27.23 -26.48 -12.70
CA THR C 59 -27.50 -26.17 -11.31
C THR C 59 -26.23 -25.96 -10.48
N VAL C 60 -25.08 -26.36 -11.01
CA VAL C 60 -23.83 -26.21 -10.26
C VAL C 60 -23.48 -24.75 -10.06
N ARG C 61 -23.03 -24.43 -8.85
CA ARG C 61 -22.60 -23.07 -8.48
C ARG C 61 -21.11 -23.07 -8.15
N HIS C 62 -20.42 -21.99 -8.52
CA HIS C 62 -19.00 -21.85 -8.24
C HIS C 62 -18.81 -20.57 -7.46
N GLY C 63 -17.67 -20.46 -6.76
CA GLY C 63 -17.41 -19.28 -5.98
C GLY C 63 -16.12 -19.42 -5.21
N CYS C 64 -15.99 -18.64 -4.15
CA CYS C 64 -14.80 -18.62 -3.28
C CYS C 64 -15.18 -18.26 -1.88
N LEU C 65 -14.31 -18.64 -0.94
CA LEU C 65 -14.45 -18.14 0.41
C LEU C 65 -13.38 -17.07 0.12
N ARG C 66 -13.76 -15.80 0.21
CA ARG C 66 -12.83 -14.70 -0.04
C ARG C 66 -12.20 -14.25 1.26
N LEU C 67 -10.88 -14.11 1.27
CA LEU C 67 -10.17 -13.68 2.48
C LEU C 67 -9.43 -12.37 2.15
N ASN C 68 -9.84 -11.29 2.79
CA ASN C 68 -9.23 -9.98 2.55
C ASN C 68 -7.99 -9.80 3.41
N GLN C 69 -6.82 -9.95 2.81
CA GLN C 69 -5.56 -9.81 3.53
C GLN C 69 -5.51 -10.67 4.80
N PRO C 70 -5.57 -12.01 4.66
CA PRO C 70 -5.51 -12.93 5.80
C PRO C 70 -4.06 -13.10 6.28
N THR C 71 -3.85 -13.42 7.55
CA THR C 71 -2.50 -13.61 8.05
C THR C 71 -2.32 -15.07 8.45
N HIS C 72 -1.25 -15.35 9.17
CA HIS C 72 -0.98 -16.69 9.63
C HIS C 72 -2.03 -17.19 10.61
N VAL C 73 -2.77 -16.28 11.22
CA VAL C 73 -3.81 -16.70 12.17
C VAL C 73 -4.99 -17.30 11.43
N ASN C 74 -4.99 -17.18 10.11
CA ASN C 74 -6.04 -17.73 9.29
C ASN C 74 -5.63 -19.05 8.67
N ASN C 75 -4.39 -19.45 8.94
CA ASN C 75 -3.86 -20.71 8.43
C ASN C 75 -4.62 -21.84 9.12
N GLY C 76 -5.03 -22.86 8.38
CA GLY C 76 -5.77 -23.93 9.01
C GLY C 76 -6.62 -24.69 8.02
N ASN C 77 -7.48 -25.53 8.56
CA ASN C 77 -8.36 -26.39 7.77
C ASN C 77 -9.71 -25.72 7.59
N TYR C 78 -10.07 -25.53 6.33
CA TYR C 78 -11.32 -24.89 5.99
C TYR C 78 -12.28 -25.95 5.47
N THR C 79 -13.47 -25.98 6.03
CA THR C 79 -14.45 -26.95 5.61
C THR C 79 -15.74 -26.31 5.12
N LEU C 80 -16.18 -26.73 3.94
CA LEU C 80 -17.44 -26.24 3.37
C LEU C 80 -18.50 -27.36 3.52
N LEU C 81 -19.67 -26.99 4.06
CA LEU C 81 -20.77 -27.90 4.30
C LEU C 81 -21.97 -27.49 3.47
N ALA C 82 -22.38 -28.37 2.55
CA ALA C 82 -23.50 -28.15 1.65
C ALA C 82 -24.67 -29.05 2.07
N ALA C 83 -25.76 -28.44 2.50
CA ALA C 83 -26.90 -29.21 2.98
C ALA C 83 -28.24 -29.00 2.26
N ASN C 84 -28.95 -30.10 2.06
CA ASN C 84 -30.27 -30.02 1.49
C ASN C 84 -31.10 -31.14 2.10
N PRO C 85 -32.36 -31.28 1.67
CA PRO C 85 -33.24 -32.33 2.20
C PRO C 85 -32.63 -33.74 2.28
N PHE C 86 -31.87 -34.12 1.26
CA PHE C 86 -31.25 -35.45 1.20
C PHE C 86 -30.22 -35.68 2.26
N GLY C 87 -29.57 -34.60 2.67
CA GLY C 87 -28.53 -34.74 3.67
C GLY C 87 -27.49 -33.67 3.45
N GLN C 88 -26.22 -33.99 3.70
CA GLN C 88 -25.17 -33.01 3.56
C GLN C 88 -23.84 -33.50 2.99
N ALA C 89 -23.21 -32.65 2.18
CA ALA C 89 -21.91 -32.98 1.61
C ALA C 89 -20.87 -32.08 2.27
N SER C 90 -19.64 -32.57 2.38
CA SER C 90 -18.60 -31.81 3.02
C SER C 90 -17.27 -31.94 2.30
N ALA C 91 -16.46 -30.89 2.39
CA ALA C 91 -15.16 -30.89 1.76
C ALA C 91 -14.24 -29.99 2.57
N SER C 92 -13.02 -30.45 2.77
CA SER C 92 -12.07 -29.68 3.54
C SER C 92 -10.77 -29.44 2.80
N ILE C 93 -10.09 -28.38 3.18
CA ILE C 93 -8.80 -28.04 2.61
C ILE C 93 -7.99 -27.18 3.58
N MET C 94 -6.69 -27.43 3.59
CA MET C 94 -5.78 -26.70 4.45
C MET C 94 -5.27 -25.47 3.69
N ALA C 95 -5.26 -24.33 4.36
CA ALA C 95 -4.78 -23.11 3.75
C ALA C 95 -3.77 -22.38 4.64
N ALA C 96 -2.62 -22.04 4.06
CA ALA C 96 -1.55 -21.29 4.71
C ALA C 96 -1.46 -19.97 3.93
N PHE C 97 -1.57 -18.85 4.63
CA PHE C 97 -1.55 -17.55 3.99
C PHE C 97 -0.27 -16.80 4.28
N MET C 98 0.43 -17.23 5.30
CA MET C 98 1.63 -16.56 5.76
C MET C 98 2.33 -17.39 6.82
N ASP C 99 3.65 -17.40 6.81
CA ASP C 99 4.39 -18.14 7.83
C ASP C 99 4.25 -17.37 9.16
N ASN C 100 4.20 -18.06 10.29
CA ASN C 100 4.08 -17.37 11.57
C ASN C 100 5.44 -16.99 12.13
N PRO C 101 5.43 -16.08 13.12
CA PRO C 101 6.67 -15.62 13.78
C PRO C 101 7.37 -16.74 14.57
N VAL D 1 26.78 31.50 -28.18
CA VAL D 1 26.63 32.69 -27.30
C VAL D 1 26.20 32.26 -25.89
N SER D 2 26.98 32.65 -24.89
CA SER D 2 26.70 32.33 -23.50
C SER D 2 25.79 33.38 -22.86
N PHE D 3 24.89 32.92 -21.99
CA PHE D 3 24.01 33.88 -21.32
C PHE D 3 23.73 33.45 -19.88
N PRO D 4 23.36 34.42 -19.02
CA PRO D 4 23.09 34.10 -17.61
C PRO D 4 21.94 33.13 -17.37
N ALA D 5 21.95 32.55 -16.17
CA ALA D 5 20.94 31.61 -15.72
C ALA D 5 19.60 32.29 -15.45
N SER D 6 18.53 31.54 -15.68
CA SER D 6 17.17 31.99 -15.49
C SER D 6 16.54 30.77 -14.83
N VAL D 7 15.61 30.99 -13.92
CA VAL D 7 14.99 29.90 -13.19
C VAL D 7 13.55 30.17 -12.77
N GLN D 8 12.75 29.11 -12.72
CA GLN D 8 11.40 29.25 -12.27
C GLN D 8 10.89 27.93 -11.67
N LEU D 9 10.04 28.04 -10.65
CA LEU D 9 9.47 26.90 -9.96
C LEU D 9 7.94 26.92 -10.17
N HIS D 10 7.33 25.76 -10.03
CA HIS D 10 5.90 25.62 -10.20
C HIS D 10 5.37 25.02 -8.90
N THR D 11 4.09 25.24 -8.62
CA THR D 11 3.48 24.73 -7.41
C THR D 11 3.50 23.19 -7.37
N ALA D 12 4.04 22.64 -6.28
CA ALA D 12 4.16 21.20 -6.07
C ALA D 12 2.91 20.38 -6.40
N VAL D 13 3.13 19.24 -7.05
CA VAL D 13 2.04 18.35 -7.41
C VAL D 13 2.33 16.88 -7.09
N GLU D 14 1.26 16.13 -6.80
CA GLU D 14 1.37 14.72 -6.43
C GLU D 14 1.04 13.76 -7.56
N MET D 15 2.05 13.06 -8.05
CA MET D 15 1.82 12.08 -9.10
C MET D 15 2.15 10.81 -8.36
N HIS D 16 2.97 9.95 -8.95
CA HIS D 16 3.34 8.73 -8.26
C HIS D 16 4.12 9.16 -7.02
N HIS D 17 5.00 10.14 -7.22
CA HIS D 17 5.80 10.72 -6.13
C HIS D 17 5.34 12.15 -6.18
N TRP D 18 5.73 12.94 -5.18
CA TRP D 18 5.38 14.35 -5.19
C TRP D 18 6.46 15.02 -6.05
N CYS D 19 6.11 16.11 -6.71
CA CYS D 19 7.11 16.78 -7.53
C CYS D 19 6.96 18.30 -7.56
N ILE D 20 8.09 18.99 -7.34
CA ILE D 20 8.16 20.44 -7.41
C ILE D 20 8.78 20.66 -8.79
N PRO D 21 7.95 20.98 -9.79
CA PRO D 21 8.42 21.22 -11.16
C PRO D 21 9.29 22.46 -11.35
N PHE D 22 10.37 22.30 -12.10
CA PHE D 22 11.27 23.42 -12.34
C PHE D 22 11.68 23.53 -13.80
N SER D 23 12.05 24.74 -14.18
CA SER D 23 12.54 25.06 -15.51
C SER D 23 13.71 26.03 -15.31
N VAL D 24 14.81 25.72 -15.96
CA VAL D 24 16.02 26.52 -15.85
C VAL D 24 16.65 26.69 -17.22
N ASP D 25 17.24 27.86 -17.46
CA ASP D 25 17.91 28.10 -18.72
C ASP D 25 19.27 28.68 -18.38
N GLY D 26 20.07 28.88 -19.41
CA GLY D 26 21.41 29.40 -19.23
C GLY D 26 22.38 28.55 -20.02
N GLN D 27 23.53 29.14 -20.35
CA GLN D 27 24.58 28.46 -21.10
C GLN D 27 25.90 29.22 -20.80
N PRO D 28 26.85 28.55 -20.15
CA PRO D 28 26.83 27.15 -19.70
C PRO D 28 25.61 26.82 -18.87
N ALA D 29 25.22 25.54 -18.90
CA ALA D 29 24.06 25.12 -18.14
C ALA D 29 24.36 25.32 -16.67
N PRO D 30 23.43 25.94 -15.93
CA PRO D 30 23.61 26.19 -14.50
C PRO D 30 23.62 24.91 -13.67
N SER D 31 24.25 25.00 -12.51
CA SER D 31 24.33 23.90 -11.59
C SER D 31 23.17 24.16 -10.66
N LEU D 32 22.41 23.11 -10.34
CA LEU D 32 21.27 23.25 -9.46
C LEU D 32 21.63 22.96 -8.00
N ARG D 33 20.90 23.58 -7.08
CA ARG D 33 21.11 23.46 -5.65
C ARG D 33 19.81 23.79 -4.97
N TRP D 34 19.37 22.98 -4.01
CA TRP D 34 18.13 23.29 -3.32
C TRP D 34 18.38 23.70 -1.87
N LEU D 35 17.43 24.46 -1.35
CA LEU D 35 17.48 24.92 0.01
C LEU D 35 16.10 24.65 0.53
N PHE D 36 16.03 24.21 1.79
CA PHE D 36 14.76 23.97 2.42
C PHE D 36 14.77 24.93 3.58
N ASN D 37 13.84 25.88 3.56
CA ASN D 37 13.74 26.90 4.58
C ASN D 37 15.05 27.71 4.74
N GLY D 38 15.70 27.97 3.60
CA GLY D 38 16.91 28.77 3.60
C GLY D 38 18.22 28.04 3.85
N SER D 39 18.13 26.76 4.18
CA SER D 39 19.33 26.00 4.43
C SER D 39 19.40 24.88 3.44
N VAL D 40 20.61 24.53 3.04
CA VAL D 40 20.84 23.48 2.07
C VAL D 40 20.11 22.17 2.29
N LEU D 41 19.52 21.65 1.22
CA LEU D 41 18.78 20.39 1.24
C LEU D 41 19.69 19.34 0.62
N ASN D 42 20.07 18.33 1.40
CA ASN D 42 20.92 17.27 0.88
C ASN D 42 20.03 16.23 0.21
N GLU D 43 20.27 15.96 -1.05
CA GLU D 43 19.48 14.98 -1.74
C GLU D 43 19.83 13.60 -1.24
N THR D 44 18.82 12.74 -1.22
CA THR D 44 18.95 11.36 -0.79
C THR D 44 18.16 10.60 -1.81
N SER D 45 17.97 9.31 -1.59
CA SER D 45 17.21 8.52 -2.53
C SER D 45 15.73 8.85 -2.50
N PHE D 46 15.29 9.59 -1.50
CA PHE D 46 13.86 9.95 -1.36
C PHE D 46 13.53 11.37 -1.75
N ILE D 47 14.54 12.24 -1.69
CA ILE D 47 14.37 13.63 -2.09
C ILE D 47 15.54 13.92 -3.00
N PHE D 48 15.29 13.97 -4.29
CA PHE D 48 16.36 14.20 -5.26
C PHE D 48 15.88 15.00 -6.46
N THR D 49 16.81 15.65 -7.14
CA THR D 49 16.48 16.46 -8.31
C THR D 49 16.44 15.55 -9.53
N GLU D 50 15.48 15.79 -10.42
CA GLU D 50 15.38 14.96 -11.61
C GLU D 50 15.03 15.74 -12.87
N PHE D 51 15.86 15.55 -13.89
CA PHE D 51 15.71 16.22 -15.17
C PHE D 51 14.99 15.32 -16.17
N LEU D 52 14.20 15.93 -17.04
CA LEU D 52 13.54 15.18 -18.09
C LEU D 52 14.59 15.14 -19.23
N GLU D 53 14.36 14.27 -20.21
CA GLU D 53 15.26 14.15 -21.36
C GLU D 53 15.38 15.53 -22.03
N PRO D 54 16.59 15.89 -22.52
CA PRO D 54 16.71 17.20 -23.17
C PRO D 54 16.01 17.25 -24.54
N ALA D 55 15.36 18.37 -24.82
CA ALA D 55 14.68 18.55 -26.08
C ALA D 55 15.69 19.01 -27.14
N ALA D 56 15.44 18.64 -28.40
CA ALA D 56 16.34 19.04 -29.47
C ALA D 56 16.24 20.57 -29.69
N ASN D 57 17.34 21.18 -30.07
CA ASN D 57 17.41 22.63 -30.34
C ASN D 57 16.99 23.59 -29.24
N GLU D 58 17.25 23.23 -27.99
CA GLU D 58 16.90 24.13 -26.91
C GLU D 58 17.88 23.91 -25.76
N THR D 59 18.19 24.99 -25.04
CA THR D 59 19.12 24.92 -23.90
C THR D 59 18.33 24.79 -22.61
N VAL D 60 17.06 25.18 -22.64
CA VAL D 60 16.17 25.11 -21.47
C VAL D 60 15.98 23.68 -20.98
N ARG D 61 16.04 23.50 -19.66
CA ARG D 61 15.89 22.18 -19.05
C ARG D 61 14.66 22.17 -18.16
N HIS D 62 13.97 21.02 -18.13
CA HIS D 62 12.78 20.84 -17.30
C HIS D 62 13.01 19.65 -16.38
N GLY D 63 12.43 19.68 -15.19
CA GLY D 63 12.60 18.59 -14.22
C GLY D 63 11.78 18.77 -12.96
N CYS D 64 12.10 18.00 -11.93
CA CYS D 64 11.36 18.03 -10.64
C CYS D 64 12.25 17.86 -9.45
N LEU D 65 11.83 18.44 -8.32
CA LEU D 65 12.53 18.09 -7.11
C LEU D 65 11.55 16.93 -6.83
N ARG D 66 12.05 15.72 -6.73
CA ARG D 66 11.19 14.56 -6.49
C ARG D 66 11.17 14.14 -5.03
N LEU D 67 9.96 14.09 -4.45
CA LEU D 67 9.78 13.69 -3.06
C LEU D 67 8.97 12.38 -2.99
N ASN D 68 9.64 11.34 -2.52
CA ASN D 68 9.04 10.01 -2.37
C ASN D 68 8.34 9.96 -1.02
N GLN D 69 7.03 10.14 -1.03
CA GLN D 69 6.23 10.10 0.17
C GLN D 69 6.81 11.01 1.25
N PRO D 70 6.70 12.33 1.05
CA PRO D 70 7.21 13.24 2.06
C PRO D 70 6.13 13.32 3.13
N THR D 71 6.45 13.89 4.30
CA THR D 71 5.45 14.04 5.36
C THR D 71 5.40 15.51 5.71
N HIS D 72 4.64 15.83 6.76
CA HIS D 72 4.50 17.22 7.19
C HIS D 72 5.88 17.78 7.50
N VAL D 73 6.83 16.92 7.80
CA VAL D 73 8.18 17.39 8.12
C VAL D 73 8.91 17.93 6.88
N ASN D 74 8.31 17.77 5.71
CA ASN D 74 8.93 18.27 4.50
C ASN D 74 8.20 19.53 4.02
N ASN D 75 7.20 19.93 4.79
CA ASN D 75 6.44 21.13 4.51
C ASN D 75 7.39 22.33 4.72
N GLY D 76 7.37 23.27 3.80
CA GLY D 76 8.26 24.41 3.94
C GLY D 76 8.53 25.09 2.61
N ASN D 77 9.47 26.03 2.65
CA ASN D 77 9.87 26.82 1.50
C ASN D 77 11.06 26.20 0.77
N TYR D 78 10.84 25.83 -0.48
CA TYR D 78 11.87 25.23 -1.30
C TYR D 78 12.46 26.25 -2.29
N THR D 79 13.77 26.43 -2.21
CA THR D 79 14.50 27.34 -3.08
C THR D 79 15.41 26.58 -4.05
N LEU D 80 15.31 26.88 -5.34
CA LEU D 80 16.16 26.23 -6.33
C LEU D 80 17.14 27.31 -6.71
N LEU D 81 18.42 26.97 -6.66
CA LEU D 81 19.49 27.89 -6.99
C LEU D 81 20.15 27.41 -8.28
N ALA D 82 20.20 28.28 -9.30
CA ALA D 82 20.80 27.90 -10.57
C ALA D 82 21.99 28.81 -10.83
N ALA D 83 23.18 28.21 -10.89
CA ALA D 83 24.38 28.99 -11.09
C ALA D 83 25.31 28.62 -12.25
N ASN D 84 25.83 29.66 -12.91
CA ASN D 84 26.81 29.54 -13.99
C ASN D 84 27.75 30.74 -13.89
N PRO D 85 28.78 30.82 -14.74
CA PRO D 85 29.72 31.96 -14.67
C PRO D 85 29.22 33.42 -14.64
N PHE D 86 27.93 33.66 -14.89
CA PHE D 86 27.41 35.04 -14.88
C PHE D 86 26.84 35.44 -13.52
N GLY D 87 26.56 34.44 -12.71
CA GLY D 87 25.97 34.71 -11.41
C GLY D 87 24.98 33.61 -11.07
N GLN D 88 23.89 33.98 -10.41
CA GLN D 88 22.95 32.97 -9.97
C GLN D 88 21.51 33.44 -10.07
N ALA D 89 20.62 32.51 -10.43
CA ALA D 89 19.19 32.78 -10.55
C ALA D 89 18.56 31.98 -9.43
N SER D 90 17.47 32.49 -8.90
CA SER D 90 16.84 31.84 -7.77
C SER D 90 15.34 31.89 -7.86
N ALA D 91 14.71 30.82 -7.38
CA ALA D 91 13.26 30.69 -7.35
C ALA D 91 12.84 29.89 -6.10
N SER D 92 11.78 30.34 -5.45
CA SER D 92 11.31 29.68 -4.24
C SER D 92 9.82 29.35 -4.29
N ILE D 93 9.42 28.35 -3.51
CA ILE D 93 8.01 27.98 -3.46
C ILE D 93 7.65 27.29 -2.14
N MET D 94 6.44 27.54 -1.67
CA MET D 94 5.98 26.91 -0.43
C MET D 94 5.31 25.59 -0.82
N ALA D 95 5.61 24.52 -0.09
CA ALA D 95 4.98 23.25 -0.40
C ALA D 95 4.50 22.59 0.89
N ALA D 96 3.30 22.02 0.82
CA ALA D 96 2.68 21.32 1.96
C ALA D 96 2.22 19.97 1.47
N PHE D 97 2.84 18.91 1.97
CA PHE D 97 2.45 17.58 1.54
C PHE D 97 1.54 16.90 2.56
N MET D 98 1.52 17.41 3.78
CA MET D 98 0.74 16.79 4.82
C MET D 98 0.54 17.74 5.99
N ASP D 99 -0.60 17.63 6.67
CA ASP D 99 -0.88 18.47 7.83
C ASP D 99 -0.01 17.90 8.96
N ASN D 100 -0.04 18.46 10.15
CA ASN D 100 0.86 17.94 11.18
C ASN D 100 0.54 18.10 12.65
N PRO D 101 -0.47 17.38 13.16
CA PRO D 101 -0.85 17.48 14.57
C PRO D 101 0.28 17.06 15.53
#